data_8BJU
#
_entry.id   8BJU
#
_cell.length_a   46.622
_cell.length_b   50.577
_cell.length_c   117.570
_cell.angle_alpha   90.00
_cell.angle_beta   90.00
_cell.angle_gamma   90.00
#
_symmetry.space_group_name_H-M   'P 21 21 21'
#
loop_
_entity.id
_entity.type
_entity.pdbx_description
1 polymer 'Wee1-like protein kinase'
2 non-polymer 2-(2-methoxyphenyl)-6-[[4-(4-methylpiperazin-1-yl)phenyl]amino]-1-[6-(2-oxidanylpropan-2-yl)pyridin-2-yl]pyrazolo[3,4-d]pyrimidin-3-one
3 water water
#
_entity_poly.entity_id   1
_entity_poly.type   'polypeptide(L)'
_entity_poly.pdbx_seq_one_letter_code
;MKSRYTTEFHELEKIGSGEFGSVFKCVKRLDGCIYAIKRSKKPLAGSVDEQNALREVYAHAVLGQHSHVVRYFSAWAEDD
HMLIQNEYCNGGSLADAISENYRIMSYFKEAELKDLLLQVGRGLRYIHSMSLVHMDIKPSNIFISRTSIPNAASEEGDED
DWASNKVMFKIGDLGHVTRISSPQVEEGDSRFLANEVLQENYTHLPKADIFALALTVVCAAGAEPLPRNGDQWHEIRQGR
LPRIPQVLSQEFTELLKVMIHPDPERRPSAMALVKHSVLLSASRK
;
_entity_poly.pdbx_strand_id   A
#
loop_
_chem_comp.id
_chem_comp.type
_chem_comp.name
_chem_comp.formula
QT9 non-polymer 2-(2-methoxyphenyl)-6-[[4-(4-methylpiperazin-1-yl)phenyl]amino]-1-[6-(2-oxidanylpropan-2-yl)pyridin-2-yl]pyrazolo[3,4-d]pyrimidin-3-one 'C31 H34 N8 O3'
#
# COMPACT_ATOMS: atom_id res chain seq x y z
N SER A 3 -15.58 14.95 -24.27
CA SER A 3 -14.71 14.37 -23.25
C SER A 3 -15.35 13.12 -22.67
N ARG A 4 -14.68 11.96 -22.71
CA ARG A 4 -15.22 10.73 -22.13
C ARG A 4 -15.47 10.94 -20.61
N TYR A 5 -14.53 11.64 -19.95
CA TYR A 5 -14.59 11.87 -18.51
C TYR A 5 -15.85 12.63 -18.15
N THR A 6 -16.14 13.72 -18.85
CA THR A 6 -17.33 14.51 -18.52
C THR A 6 -18.62 13.87 -19.07
N THR A 7 -18.54 13.14 -20.19
CA THR A 7 -19.72 12.47 -20.75
C THR A 7 -20.17 11.29 -19.88
N GLU A 8 -19.23 10.42 -19.47
CA GLU A 8 -19.55 9.20 -18.75
C GLU A 8 -19.67 9.36 -17.22
N PHE A 9 -19.01 10.39 -16.65
CA PHE A 9 -18.96 10.57 -15.20
C PHE A 9 -19.34 11.97 -14.75
N HIS A 10 -19.78 12.10 -13.50
CA HIS A 10 -20.02 13.38 -12.88
C HIS A 10 -19.15 13.43 -11.63
N GLU A 11 -18.28 14.46 -11.52
CA GLU A 11 -17.42 14.66 -10.34
C GLU A 11 -18.26 15.01 -9.13
N LEU A 12 -17.98 14.38 -7.99
CA LEU A 12 -18.69 14.55 -6.72
C LEU A 12 -17.87 15.12 -5.58
N GLU A 13 -16.54 14.97 -5.59
CA GLU A 13 -15.70 15.42 -4.47
C GLU A 13 -14.22 15.24 -4.85
N LYS A 14 -13.35 16.27 -4.68
CA LYS A 14 -11.91 16.10 -4.92
C LYS A 14 -11.37 15.33 -3.73
N ILE A 15 -10.70 14.18 -3.97
CA ILE A 15 -10.20 13.38 -2.86
C ILE A 15 -8.67 13.26 -2.80
N GLY A 16 -7.96 13.82 -3.77
CA GLY A 16 -6.52 13.76 -3.79
C GLY A 16 -5.95 14.83 -4.68
N SER A 17 -4.78 15.35 -4.31
CA SER A 17 -4.12 16.39 -5.10
C SER A 17 -2.65 16.40 -4.79
N GLY A 18 -1.84 16.66 -5.81
CA GLY A 18 -0.40 16.73 -5.65
C GLY A 18 0.32 16.74 -6.98
N GLU A 19 1.57 16.29 -6.95
CA GLU A 19 2.38 16.19 -8.16
C GLU A 19 1.77 15.14 -9.10
N PHE A 20 1.18 14.04 -8.52
CA PHE A 20 0.47 12.99 -9.27
C PHE A 20 -0.79 13.49 -10.02
N GLY A 21 -1.17 14.76 -9.82
CA GLY A 21 -2.34 15.33 -10.48
C GLY A 21 -3.47 15.54 -9.52
N SER A 22 -4.65 14.99 -9.82
CA SER A 22 -5.81 15.12 -8.94
C SER A 22 -6.66 13.85 -9.03
N VAL A 23 -7.26 13.48 -7.94
CA VAL A 23 -8.16 12.31 -7.91
C VAL A 23 -9.54 12.82 -7.45
N PHE A 24 -10.63 12.42 -8.14
CA PHE A 24 -11.97 12.81 -7.75
C PHE A 24 -12.83 11.56 -7.54
N LYS A 25 -13.74 11.67 -6.61
CA LYS A 25 -14.78 10.69 -6.38
C LYS A 25 -15.83 11.07 -7.47
N CYS A 26 -16.20 10.11 -8.34
CA CYS A 26 -17.15 10.42 -9.42
C CYS A 26 -18.27 9.39 -9.44
N VAL A 27 -19.44 9.78 -9.94
CA VAL A 27 -20.47 8.80 -10.21
C VAL A 27 -20.46 8.54 -11.73
N LYS A 28 -20.55 7.26 -12.12
CA LYS A 28 -20.63 6.91 -13.53
C LYS A 28 -22.11 6.96 -13.89
N ARG A 29 -22.47 7.75 -14.88
CA ARG A 29 -23.89 7.96 -15.23
C ARG A 29 -24.63 6.73 -15.61
N LEU A 30 -23.97 5.84 -16.35
CA LEU A 30 -24.63 4.65 -16.84
C LEU A 30 -24.98 3.62 -15.78
N ASP A 31 -24.09 3.42 -14.80
CA ASP A 31 -24.32 2.38 -13.81
C ASP A 31 -24.64 2.88 -12.42
N GLY A 32 -24.56 4.20 -12.20
CA GLY A 32 -24.84 4.81 -10.90
C GLY A 32 -23.85 4.46 -9.80
N CYS A 33 -22.72 3.88 -10.18
CA CYS A 33 -21.72 3.47 -9.22
C CYS A 33 -20.67 4.55 -9.01
N ILE A 34 -20.00 4.50 -7.88
CA ILE A 34 -18.99 5.51 -7.52
C ILE A 34 -17.61 4.98 -7.82
N TYR A 35 -16.78 5.82 -8.42
CA TYR A 35 -15.42 5.45 -8.75
C TYR A 35 -14.43 6.52 -8.30
N ALA A 36 -13.13 6.13 -8.18
CA ALA A 36 -12.07 7.10 -7.92
C ALA A 36 -11.35 7.26 -9.28
N ILE A 37 -11.23 8.49 -9.79
CA ILE A 37 -10.60 8.72 -11.08
C ILE A 37 -9.48 9.72 -10.91
N LYS A 38 -8.28 9.32 -11.33
CA LYS A 38 -7.09 10.16 -11.25
C LYS A 38 -6.87 10.74 -12.65
N ARG A 39 -6.60 12.01 -12.70
CA ARG A 39 -6.34 12.69 -13.97
C ARG A 39 -5.00 13.36 -13.80
N SER A 40 -4.05 13.05 -14.70
CA SER A 40 -2.73 13.61 -14.59
C SER A 40 -2.20 14.02 -15.95
N LYS A 41 -1.18 14.86 -15.95
CA LYS A 41 -0.54 15.29 -17.18
C LYS A 41 0.24 14.14 -17.77
N LYS A 42 0.42 14.12 -19.10
CA LYS A 42 1.28 13.13 -19.76
C LYS A 42 2.69 13.19 -19.16
N PRO A 43 3.21 12.06 -18.66
CA PRO A 43 4.57 12.05 -18.09
C PRO A 43 5.68 12.52 -19.02
N LEU A 44 6.69 13.21 -18.47
CA LEU A 44 7.84 13.64 -19.28
C LEU A 44 8.73 12.42 -19.61
N ALA A 45 9.22 12.32 -20.86
CA ALA A 45 10.10 11.22 -21.26
C ALA A 45 11.34 11.16 -20.38
N GLY A 46 11.67 9.96 -19.92
CA GLY A 46 12.84 9.74 -19.07
C GLY A 46 12.62 9.98 -17.60
N SER A 47 11.43 10.50 -17.21
CA SER A 47 11.17 10.81 -15.82
C SER A 47 10.79 9.58 -15.02
N VAL A 48 10.90 9.72 -13.69
CA VAL A 48 10.43 8.70 -12.76
C VAL A 48 8.90 8.54 -12.94
N ASP A 49 8.17 9.66 -13.16
CA ASP A 49 6.72 9.65 -13.39
C ASP A 49 6.37 8.72 -14.60
N GLU A 50 7.17 8.81 -15.68
CA GLU A 50 6.93 7.95 -16.84
C GLU A 50 7.14 6.47 -16.46
N GLN A 51 8.22 6.15 -15.72
CA GLN A 51 8.52 4.77 -15.32
C GLN A 51 7.44 4.21 -14.39
N ASN A 52 6.92 5.06 -13.49
CA ASN A 52 5.82 4.68 -12.59
C ASN A 52 4.56 4.35 -13.41
N ALA A 53 4.23 5.21 -14.41
CA ALA A 53 3.05 4.97 -15.28
C ALA A 53 3.14 3.67 -16.05
N LEU A 54 4.35 3.32 -16.53
CA LEU A 54 4.60 2.06 -17.23
C LEU A 54 4.43 0.87 -16.28
N ARG A 55 4.97 0.97 -15.03
CA ARG A 55 4.84 -0.10 -14.04
C ARG A 55 3.36 -0.34 -13.71
N GLU A 56 2.60 0.77 -13.58
CA GLU A 56 1.19 0.67 -13.28
C GLU A 56 0.36 0.03 -14.41
N VAL A 57 0.66 0.40 -15.70
CA VAL A 57 -0.06 -0.22 -16.82
C VAL A 57 0.17 -1.77 -16.80
N TYR A 58 1.44 -2.19 -16.59
CA TYR A 58 1.76 -3.61 -16.57
C TYR A 58 0.99 -4.32 -15.44
N ALA A 59 1.05 -3.76 -14.23
CA ALA A 59 0.36 -4.33 -13.08
C ALA A 59 -1.15 -4.46 -13.33
N HIS A 60 -1.77 -3.42 -13.92
CA HIS A 60 -3.20 -3.43 -14.26
C HIS A 60 -3.56 -4.49 -15.28
N ALA A 61 -2.64 -4.83 -16.20
CA ALA A 61 -2.89 -5.87 -17.20
C ALA A 61 -2.69 -7.29 -16.62
N VAL A 62 -1.81 -7.43 -15.62
CA VAL A 62 -1.45 -8.74 -15.09
C VAL A 62 -2.35 -9.20 -13.96
N LEU A 63 -2.61 -8.30 -13.03
CA LEU A 63 -3.41 -8.63 -11.87
C LEU A 63 -4.89 -8.78 -12.18
N GLY A 64 -5.50 -9.80 -11.59
CA GLY A 64 -6.93 -9.97 -11.64
C GLY A 64 -7.57 -9.26 -10.48
N GLN A 65 -8.90 -9.32 -10.42
CA GLN A 65 -9.64 -8.70 -9.34
C GLN A 65 -9.36 -9.47 -8.04
N HIS A 66 -9.14 -8.73 -6.93
CA HIS A 66 -8.87 -9.35 -5.62
C HIS A 66 -9.52 -8.49 -4.57
N SER A 67 -10.17 -9.11 -3.59
CA SER A 67 -10.84 -8.35 -2.52
C SER A 67 -9.95 -7.39 -1.76
N HIS A 68 -8.61 -7.62 -1.80
CA HIS A 68 -7.71 -6.77 -1.06
C HIS A 68 -6.73 -6.00 -1.94
N VAL A 69 -7.09 -5.79 -3.19
CA VAL A 69 -6.38 -4.92 -4.09
C VAL A 69 -7.44 -4.01 -4.67
N VAL A 70 -7.18 -2.67 -4.69
CA VAL A 70 -8.13 -1.74 -5.29
C VAL A 70 -8.37 -2.11 -6.76
N ARG A 71 -9.64 -2.38 -7.05
CA ARG A 71 -10.06 -2.77 -8.39
C ARG A 71 -9.79 -1.72 -9.45
N TYR A 72 -9.23 -2.20 -10.55
CA TYR A 72 -8.93 -1.33 -11.68
C TYR A 72 -10.06 -1.52 -12.72
N PHE A 73 -10.58 -0.43 -13.31
CA PHE A 73 -11.63 -0.56 -14.32
C PHE A 73 -11.20 -0.17 -15.70
N SER A 74 -10.62 1.02 -15.85
CA SER A 74 -10.28 1.52 -17.17
C SER A 74 -9.22 2.62 -17.09
N ALA A 75 -8.51 2.86 -18.21
CA ALA A 75 -7.55 3.94 -18.33
C ALA A 75 -7.60 4.45 -19.79
N TRP A 76 -7.58 5.76 -19.98
CA TRP A 76 -7.65 6.33 -21.32
C TRP A 76 -7.03 7.72 -21.33
N ALA A 77 -6.70 8.22 -22.52
CA ALA A 77 -6.11 9.54 -22.67
C ALA A 77 -7.13 10.54 -23.18
N GLU A 78 -7.02 11.77 -22.73
CA GLU A 78 -7.84 12.86 -23.19
C GLU A 78 -6.93 14.03 -23.34
N ASP A 79 -6.55 14.39 -24.57
CA ASP A 79 -5.74 15.57 -24.81
C ASP A 79 -4.46 15.66 -23.93
N ASP A 80 -3.52 14.70 -24.06
CA ASP A 80 -2.28 14.76 -23.24
C ASP A 80 -2.48 14.62 -21.73
N HIS A 81 -3.65 14.18 -21.33
CA HIS A 81 -3.91 13.87 -19.93
C HIS A 81 -4.29 12.42 -19.87
N MET A 82 -3.84 11.70 -18.85
CA MET A 82 -4.14 10.31 -18.65
C MET A 82 -5.20 10.23 -17.54
N LEU A 83 -6.17 9.34 -17.72
CA LEU A 83 -7.23 9.13 -16.71
C LEU A 83 -7.23 7.69 -16.33
N ILE A 84 -7.33 7.42 -15.05
CA ILE A 84 -7.38 6.05 -14.56
C ILE A 84 -8.60 5.94 -13.67
N GLN A 85 -9.46 4.98 -13.96
CA GLN A 85 -10.69 4.74 -13.20
C GLN A 85 -10.56 3.49 -12.35
N ASN A 86 -10.58 3.68 -11.04
CA ASN A 86 -10.49 2.62 -10.05
C ASN A 86 -11.75 2.59 -9.20
N GLU A 87 -11.88 1.51 -8.42
CA GLU A 87 -12.90 1.36 -7.39
C GLU A 87 -12.74 2.51 -6.38
N TYR A 88 -13.86 3.03 -5.84
CA TYR A 88 -13.79 4.09 -4.83
C TYR A 88 -13.89 3.40 -3.46
N CYS A 89 -12.90 3.61 -2.59
CA CYS A 89 -12.95 3.06 -1.24
C CYS A 89 -13.40 4.19 -0.32
N ASN A 90 -14.62 4.06 0.20
CA ASN A 90 -15.30 5.13 0.94
C ASN A 90 -14.65 5.56 2.28
N GLY A 91 -13.70 4.77 2.76
CA GLY A 91 -13.03 5.07 4.02
C GLY A 91 -11.72 5.82 3.90
N GLY A 92 -11.32 6.17 2.67
CA GLY A 92 -10.09 6.92 2.47
C GLY A 92 -8.88 6.06 2.71
N SER A 93 -7.72 6.69 2.96
CA SER A 93 -6.50 5.92 3.15
C SER A 93 -6.31 5.57 4.62
N LEU A 94 -5.45 4.56 4.87
CA LEU A 94 -5.12 4.20 6.24
C LEU A 94 -4.33 5.38 6.88
N ALA A 95 -3.57 6.19 6.09
CA ALA A 95 -2.82 7.32 6.65
C ALA A 95 -3.79 8.34 7.24
N ASP A 96 -4.89 8.61 6.53
CA ASP A 96 -5.89 9.57 7.05
C ASP A 96 -6.67 8.98 8.20
N ALA A 97 -6.92 7.64 8.18
CA ALA A 97 -7.59 7.02 9.33
C ALA A 97 -6.70 7.12 10.58
N ILE A 98 -5.35 7.02 10.39
CA ILE A 98 -4.38 7.12 11.49
C ILE A 98 -4.34 8.55 12.05
N SER A 99 -4.35 9.55 11.17
CA SER A 99 -4.38 10.95 11.60
C SER A 99 -5.66 11.23 12.37
N GLU A 100 -6.79 10.69 11.90
CA GLU A 100 -8.06 10.90 12.59
C GLU A 100 -8.01 10.25 14.00
N ASN A 101 -7.42 9.05 14.10
CA ASN A 101 -7.25 8.40 15.38
C ASN A 101 -6.36 9.24 16.32
N TYR A 102 -5.30 9.87 15.79
CA TYR A 102 -4.41 10.69 16.60
C TYR A 102 -5.19 11.88 17.22
N ARG A 103 -6.05 12.48 16.43
CA ARG A 103 -6.87 13.63 16.80
C ARG A 103 -7.83 13.29 17.92
N ILE A 104 -8.36 12.07 17.92
CA ILE A 104 -9.28 11.65 18.99
C ILE A 104 -8.58 10.83 20.09
N MET A 105 -7.22 10.93 20.18
CA MET A 105 -6.34 10.27 21.15
C MET A 105 -6.43 8.73 21.10
N SER A 106 -6.67 8.20 19.92
CA SER A 106 -6.88 6.78 19.66
C SER A 106 -5.98 6.18 18.56
N TYR A 107 -6.19 4.88 18.26
CA TYR A 107 -5.39 4.06 17.36
C TYR A 107 -6.17 2.75 17.11
N PHE A 108 -5.67 1.93 16.19
CA PHE A 108 -6.24 0.63 15.96
C PHE A 108 -5.85 -0.26 17.16
N LYS A 109 -6.83 -0.87 17.83
CA LYS A 109 -6.56 -1.77 18.94
C LYS A 109 -5.95 -3.08 18.40
N GLU A 110 -5.44 -3.96 19.28
CA GLU A 110 -4.82 -5.22 18.81
C GLU A 110 -5.63 -6.01 17.76
N ALA A 111 -6.91 -6.36 18.05
CA ALA A 111 -7.72 -7.11 17.10
C ALA A 111 -7.84 -6.41 15.71
N GLU A 112 -7.92 -5.08 15.71
CA GLU A 112 -8.02 -4.32 14.48
C GLU A 112 -6.69 -4.34 13.70
N LEU A 113 -5.57 -4.33 14.42
CA LEU A 113 -4.24 -4.38 13.79
C LEU A 113 -3.99 -5.75 13.18
N LYS A 114 -4.46 -6.84 13.84
CA LYS A 114 -4.30 -8.17 13.28
C LYS A 114 -5.17 -8.31 12.01
N ASP A 115 -6.35 -7.69 12.00
CA ASP A 115 -7.26 -7.68 10.86
C ASP A 115 -6.58 -6.95 9.69
N LEU A 116 -6.01 -5.76 9.95
CA LEU A 116 -5.28 -4.98 8.94
C LEU A 116 -4.11 -5.82 8.40
N LEU A 117 -3.32 -6.42 9.29
CA LEU A 117 -2.15 -7.22 8.86
C LEU A 117 -2.54 -8.42 7.98
N LEU A 118 -3.60 -9.14 8.37
CA LEU A 118 -4.08 -10.28 7.61
C LEU A 118 -4.65 -9.90 6.24
N GLN A 119 -5.51 -8.85 6.18
CA GLN A 119 -6.12 -8.43 4.94
C GLN A 119 -5.09 -7.93 3.95
N VAL A 120 -4.19 -7.03 4.39
CA VAL A 120 -3.13 -6.54 3.50
C VAL A 120 -2.20 -7.74 3.09
N GLY A 121 -1.97 -8.65 4.04
CA GLY A 121 -1.23 -9.88 3.79
C GLY A 121 -1.85 -10.72 2.67
N ARG A 122 -3.20 -10.80 2.63
CA ARG A 122 -3.91 -11.55 1.58
C ARG A 122 -3.72 -10.88 0.23
N GLY A 123 -3.77 -9.53 0.20
CA GLY A 123 -3.47 -8.81 -1.03
C GLY A 123 -2.04 -9.08 -1.50
N LEU A 124 -1.06 -9.04 -0.57
CA LEU A 124 0.35 -9.32 -0.92
C LEU A 124 0.53 -10.76 -1.37
N ARG A 125 -0.23 -11.70 -0.80
CA ARG A 125 -0.12 -13.12 -1.20
C ARG A 125 -0.49 -13.24 -2.67
N TYR A 126 -1.57 -12.53 -3.05
CA TYR A 126 -2.03 -12.56 -4.42
C TYR A 126 -0.99 -11.91 -5.35
N ILE A 127 -0.57 -10.69 -5.01
CA ILE A 127 0.43 -10.02 -5.86
C ILE A 127 1.71 -10.87 -6.05
N HIS A 128 2.22 -11.40 -4.94
CA HIS A 128 3.44 -12.22 -4.98
C HIS A 128 3.24 -13.52 -5.77
N SER A 129 2.02 -14.13 -5.65
CA SER A 129 1.70 -15.38 -6.39
C SER A 129 1.71 -15.08 -7.91
N MET A 130 1.43 -13.80 -8.34
CA MET A 130 1.50 -13.39 -9.74
C MET A 130 2.94 -12.99 -10.16
N SER A 131 3.96 -13.35 -9.36
CA SER A 131 5.39 -13.10 -9.56
C SER A 131 5.75 -11.58 -9.60
N LEU A 132 4.92 -10.76 -8.94
CA LEU A 132 5.15 -9.32 -8.82
C LEU A 132 5.39 -8.93 -7.35
N VAL A 133 5.99 -7.74 -7.13
CA VAL A 133 6.15 -7.16 -5.79
C VAL A 133 5.56 -5.75 -5.85
N HIS A 134 5.07 -5.24 -4.74
CA HIS A 134 4.42 -3.92 -4.73
C HIS A 134 5.46 -2.79 -4.62
N MET A 135 6.36 -2.88 -3.63
CA MET A 135 7.49 -1.97 -3.43
C MET A 135 7.15 -0.55 -2.95
N ASP A 136 5.90 -0.33 -2.52
CA ASP A 136 5.53 0.96 -1.97
C ASP A 136 4.41 0.80 -0.93
N ILE A 137 4.46 -0.28 -0.15
CA ILE A 137 3.45 -0.45 0.93
C ILE A 137 3.71 0.56 2.02
N LYS A 138 2.65 1.27 2.39
CA LYS A 138 2.69 2.31 3.42
C LYS A 138 1.27 2.79 3.66
N PRO A 139 0.99 3.43 4.80
CA PRO A 139 -0.37 3.85 5.10
C PRO A 139 -1.12 4.61 4.00
N SER A 140 -0.44 5.52 3.26
CA SER A 140 -1.14 6.31 2.23
C SER A 140 -1.56 5.47 1.05
N ASN A 141 -1.01 4.23 0.90
CA ASN A 141 -1.36 3.36 -0.20
C ASN A 141 -2.25 2.20 0.19
N ILE A 142 -2.82 2.22 1.41
CA ILE A 142 -3.80 1.22 1.84
C ILE A 142 -5.12 1.92 1.95
N PHE A 143 -6.14 1.46 1.24
CA PHE A 143 -7.43 2.13 1.20
C PHE A 143 -8.44 1.33 2.00
N ILE A 144 -9.47 2.03 2.50
CA ILE A 144 -10.44 1.37 3.36
C ILE A 144 -11.85 1.42 2.77
N SER A 145 -12.55 0.28 2.73
CA SER A 145 -13.96 0.25 2.33
C SER A 145 -14.77 -0.17 3.57
N ARG A 146 -15.80 0.56 3.93
CA ARG A 146 -16.66 0.25 5.11
C ARG A 146 -18.09 0.05 4.64
N LYS A 166 -18.36 -4.08 9.06
CA LYS A 166 -17.28 -4.69 8.30
C LYS A 166 -16.34 -3.68 7.66
N VAL A 167 -15.05 -3.98 7.67
N VAL A 167 -15.05 -3.99 7.66
CA VAL A 167 -14.04 -3.11 7.11
CA VAL A 167 -14.05 -3.11 7.06
C VAL A 167 -13.16 -3.93 6.18
C VAL A 167 -13.16 -3.93 6.17
N MET A 168 -12.92 -3.44 4.96
CA MET A 168 -12.03 -4.12 4.01
C MET A 168 -10.82 -3.19 3.69
N PHE A 169 -9.60 -3.72 3.83
CA PHE A 169 -8.37 -2.99 3.50
C PHE A 169 -7.93 -3.46 2.15
N LYS A 170 -7.52 -2.53 1.28
CA LYS A 170 -7.16 -2.84 -0.08
C LYS A 170 -5.89 -2.11 -0.47
N ILE A 171 -4.98 -2.85 -1.10
CA ILE A 171 -3.73 -2.22 -1.56
C ILE A 171 -3.96 -1.42 -2.81
N GLY A 172 -3.43 -0.19 -2.85
CA GLY A 172 -3.55 0.66 -4.01
C GLY A 172 -2.20 1.20 -4.48
N ASP A 173 -2.22 2.05 -5.50
CA ASP A 173 -0.99 2.65 -6.05
C ASP A 173 0.07 1.67 -6.53
N LEU A 174 -0.18 1.11 -7.71
CA LEU A 174 0.67 0.11 -8.33
C LEU A 174 1.90 0.66 -9.08
N GLY A 175 2.13 1.97 -9.02
CA GLY A 175 3.27 2.60 -9.67
C GLY A 175 4.67 2.06 -9.45
N HIS A 176 4.93 1.36 -8.34
CA HIS A 176 6.26 0.79 -8.06
C HIS A 176 6.24 -0.72 -8.26
N VAL A 177 5.12 -1.32 -8.75
CA VAL A 177 5.05 -2.79 -8.94
C VAL A 177 6.12 -3.23 -9.90
N THR A 178 6.88 -4.28 -9.55
CA THR A 178 7.90 -4.79 -10.47
C THR A 178 7.88 -6.31 -10.49
N ARG A 179 8.61 -6.90 -11.45
CA ARG A 179 8.66 -8.34 -11.59
C ARG A 179 9.78 -8.92 -10.76
N ILE A 180 9.50 -9.99 -10.01
CA ILE A 180 10.53 -10.64 -9.20
C ILE A 180 11.70 -11.14 -10.07
N SER A 181 11.38 -11.64 -11.26
CA SER A 181 12.44 -12.18 -12.17
C SER A 181 13.35 -11.11 -12.79
N SER A 182 12.88 -9.86 -12.88
CA SER A 182 13.68 -8.82 -13.55
C SER A 182 13.30 -7.50 -12.87
N PRO A 183 13.70 -7.34 -11.61
CA PRO A 183 13.22 -6.17 -10.85
C PRO A 183 13.80 -4.84 -11.28
N GLN A 184 12.96 -3.80 -11.29
CA GLN A 184 13.32 -2.42 -11.58
C GLN A 184 12.79 -1.67 -10.40
N VAL A 185 13.71 -1.26 -9.53
CA VAL A 185 13.34 -0.66 -8.28
C VAL A 185 13.51 0.86 -8.28
N GLU A 186 12.39 1.55 -8.26
CA GLU A 186 12.40 3.01 -8.22
C GLU A 186 12.53 3.45 -6.77
N GLU A 187 12.77 4.73 -6.56
CA GLU A 187 12.95 5.23 -5.22
C GLU A 187 11.71 4.97 -4.39
N GLY A 188 11.92 4.39 -3.21
CA GLY A 188 10.82 4.07 -2.33
C GLY A 188 10.79 5.05 -1.18
N ASP A 189 9.77 4.95 -0.34
CA ASP A 189 9.68 5.88 0.78
C ASP A 189 10.70 5.40 1.82
N SER A 190 11.69 6.25 2.13
CA SER A 190 12.78 5.87 3.04
C SER A 190 12.28 5.42 4.42
N ARG A 191 11.10 5.91 4.85
CA ARG A 191 10.55 5.49 6.14
C ARG A 191 10.20 4.00 6.17
N PHE A 192 9.87 3.40 4.99
CA PHE A 192 9.42 2.00 4.89
C PHE A 192 10.37 1.06 4.17
N LEU A 193 11.51 1.60 3.73
CA LEU A 193 12.56 0.90 2.95
C LEU A 193 13.38 -0.09 3.77
N ALA A 194 13.46 -1.37 3.35
CA ALA A 194 14.27 -2.41 4.00
C ALA A 194 15.76 -2.17 3.64
N ASN A 195 16.68 -2.52 4.55
CA ASN A 195 18.11 -2.23 4.37
C ASN A 195 18.66 -2.90 3.13
N GLU A 196 18.24 -4.14 2.88
CA GLU A 196 18.75 -4.86 1.70
C GLU A 196 18.37 -4.18 0.37
N VAL A 197 17.25 -3.45 0.35
CA VAL A 197 16.84 -2.74 -0.87
C VAL A 197 17.70 -1.49 -1.05
N LEU A 198 18.04 -0.79 0.05
CA LEU A 198 18.99 0.35 0.00
C LEU A 198 20.36 -0.17 -0.49
N GLN A 199 20.74 -1.38 -0.08
CA GLN A 199 21.99 -1.98 -0.55
C GLN A 199 21.95 -2.49 -2.02
N GLU A 200 20.81 -2.28 -2.71
CA GLU A 200 20.61 -2.68 -4.12
C GLU A 200 20.63 -4.21 -4.32
N ASN A 201 20.20 -4.94 -3.29
CA ASN A 201 20.09 -6.39 -3.33
C ASN A 201 18.59 -6.66 -3.53
N TYR A 202 18.25 -7.06 -4.75
CA TYR A 202 16.85 -7.24 -5.07
C TYR A 202 16.47 -8.72 -5.21
N THR A 203 17.17 -9.62 -4.50
CA THR A 203 16.93 -11.07 -4.63
C THR A 203 15.81 -11.61 -3.74
N HIS A 204 15.33 -10.82 -2.77
CA HIS A 204 14.24 -11.27 -1.90
C HIS A 204 13.17 -10.15 -1.78
N LEU A 205 12.80 -9.49 -2.92
CA LEU A 205 11.86 -8.37 -2.87
C LEU A 205 10.52 -8.66 -2.19
N PRO A 206 9.91 -9.87 -2.29
CA PRO A 206 8.65 -10.08 -1.53
C PRO A 206 8.79 -9.78 -0.03
N LYS A 207 10.01 -10.02 0.51
CA LYS A 207 10.30 -9.74 1.92
C LYS A 207 10.49 -8.24 2.21
N ALA A 208 10.73 -7.39 1.19
CA ALA A 208 10.76 -5.93 1.38
C ALA A 208 9.30 -5.44 1.60
N ASP A 209 8.33 -6.07 0.89
CA ASP A 209 6.90 -5.76 1.09
C ASP A 209 6.48 -6.19 2.50
N ILE A 210 6.97 -7.36 2.97
CA ILE A 210 6.62 -7.82 4.32
C ILE A 210 7.13 -6.85 5.37
N PHE A 211 8.39 -6.41 5.21
CA PHE A 211 9.01 -5.43 6.11
C PHE A 211 8.20 -4.10 6.13
N ALA A 212 7.83 -3.61 4.94
CA ALA A 212 7.02 -2.37 4.85
C ALA A 212 5.64 -2.57 5.50
N LEU A 213 5.03 -3.73 5.30
CA LEU A 213 3.73 -4.01 5.94
C LEU A 213 3.83 -3.98 7.47
N ALA A 214 4.92 -4.56 8.06
CA ALA A 214 5.05 -4.50 9.53
C ALA A 214 5.12 -3.04 9.99
N LEU A 215 5.93 -2.20 9.30
CA LEU A 215 6.00 -0.78 9.66
C LEU A 215 4.69 -0.02 9.43
N THR A 216 3.87 -0.45 8.47
CA THR A 216 2.54 0.12 8.22
C THR A 216 1.60 -0.22 9.39
N VAL A 217 1.68 -1.45 9.88
CA VAL A 217 0.90 -1.86 11.05
C VAL A 217 1.37 -1.10 12.28
N VAL A 218 2.68 -0.94 12.46
CA VAL A 218 3.23 -0.18 13.59
C VAL A 218 2.69 1.28 13.55
N CYS A 219 2.57 1.85 12.33
CA CYS A 219 1.93 3.18 12.20
C CYS A 219 0.47 3.14 12.65
N ALA A 220 -0.25 2.10 12.25
CA ALA A 220 -1.65 1.97 12.63
C ALA A 220 -1.80 1.77 14.14
N ALA A 221 -0.76 1.18 14.79
CA ALA A 221 -0.73 0.97 16.26
C ALA A 221 -0.50 2.28 17.05
N GLY A 222 -0.27 3.39 16.35
CA GLY A 222 -0.09 4.67 16.97
C GLY A 222 1.34 5.11 17.21
N ALA A 223 2.33 4.52 16.52
CA ALA A 223 3.73 4.94 16.67
C ALA A 223 3.89 6.43 16.22
N GLU A 224 5.01 7.05 16.66
CA GLU A 224 5.42 8.40 16.29
C GLU A 224 5.84 8.35 14.81
N PRO A 225 5.88 9.49 14.11
CA PRO A 225 6.35 9.48 12.70
C PRO A 225 7.65 8.70 12.50
N LEU A 226 7.66 7.75 11.57
CA LEU A 226 8.84 6.93 11.32
C LEU A 226 10.00 7.79 10.83
N PRO A 227 11.22 7.46 11.23
CA PRO A 227 12.37 8.26 10.78
C PRO A 227 12.78 7.96 9.33
N ARG A 228 13.39 8.96 8.66
CA ARG A 228 13.88 8.80 7.29
C ARG A 228 15.38 8.46 7.20
N ASN A 229 16.13 8.67 8.30
CA ASN A 229 17.57 8.43 8.45
C ASN A 229 17.98 8.58 9.95
N GLY A 230 19.28 8.51 10.25
CA GLY A 230 19.77 8.67 11.62
C GLY A 230 20.02 7.39 12.37
N ASP A 231 20.17 7.49 13.70
CA ASP A 231 20.37 6.31 14.55
C ASP A 231 19.08 5.51 14.65
N GLN A 232 17.92 6.19 14.72
CA GLN A 232 16.61 5.57 14.83
C GLN A 232 16.21 4.75 13.61
N TRP A 233 16.57 5.21 12.39
CA TRP A 233 16.29 4.47 11.15
C TRP A 233 17.05 3.16 11.20
N HIS A 234 18.36 3.23 11.56
CA HIS A 234 19.25 2.07 11.66
C HIS A 234 18.85 1.11 12.74
N GLU A 235 18.31 1.63 13.86
CA GLU A 235 17.84 0.81 14.97
C GLU A 235 16.71 -0.10 14.51
N ILE A 236 15.76 0.44 13.70
CA ILE A 236 14.63 -0.32 13.14
C ILE A 236 15.19 -1.40 12.21
N ARG A 237 16.12 -1.05 11.32
CA ARG A 237 16.72 -2.02 10.41
C ARG A 237 17.58 -3.08 11.15
N GLN A 238 17.96 -2.81 12.42
CA GLN A 238 18.62 -3.84 13.23
C GLN A 238 17.62 -4.87 13.83
N GLY A 239 16.33 -4.72 13.53
CA GLY A 239 15.28 -5.63 13.98
C GLY A 239 14.48 -5.17 15.18
N ARG A 240 14.66 -3.91 15.61
CA ARG A 240 13.99 -3.35 16.77
C ARG A 240 12.76 -2.51 16.43
N LEU A 241 11.60 -2.94 16.92
CA LEU A 241 10.35 -2.26 16.63
C LEU A 241 10.32 -0.90 17.27
N PRO A 242 9.70 0.09 16.60
CA PRO A 242 9.51 1.39 17.26
C PRO A 242 8.48 1.30 18.40
N ARG A 243 8.47 2.31 19.28
CA ARG A 243 7.53 2.33 20.41
C ARG A 243 6.13 2.62 19.95
N ILE A 244 5.13 1.98 20.58
CA ILE A 244 3.73 2.29 20.27
C ILE A 244 2.99 2.61 21.57
N PRO A 245 1.98 3.51 21.55
CA PRO A 245 1.30 3.88 22.80
C PRO A 245 0.19 2.92 23.21
N GLN A 246 0.48 1.63 23.21
CA GLN A 246 -0.45 0.61 23.64
C GLN A 246 0.33 -0.69 23.82
N VAL A 247 -0.20 -1.57 24.66
CA VAL A 247 0.43 -2.84 24.93
C VAL A 247 -0.19 -3.85 23.99
N LEU A 248 0.65 -4.58 23.26
CA LEU A 248 0.21 -5.66 22.40
C LEU A 248 0.64 -6.99 23.04
N SER A 249 -0.09 -8.08 22.72
CA SER A 249 0.23 -9.44 23.19
C SER A 249 1.63 -9.85 22.72
N GLN A 250 2.23 -10.85 23.41
CA GLN A 250 3.56 -11.30 23.03
C GLN A 250 3.56 -12.08 21.72
N GLU A 251 2.50 -12.86 21.46
CA GLU A 251 2.43 -13.64 20.20
C GLU A 251 2.41 -12.64 18.99
N PHE A 252 1.65 -11.52 19.14
CA PHE A 252 1.55 -10.54 18.08
C PHE A 252 2.83 -9.72 17.90
N THR A 253 3.43 -9.26 19.01
CA THR A 253 4.68 -8.49 18.94
C THR A 253 5.81 -9.29 18.31
N GLU A 254 5.89 -10.60 18.64
CA GLU A 254 6.93 -11.43 18.02
C GLU A 254 6.70 -11.53 16.49
N LEU A 255 5.43 -11.51 16.02
CA LEU A 255 5.15 -11.57 14.58
C LEU A 255 5.66 -10.29 13.91
N LEU A 256 5.37 -9.11 14.52
CA LEU A 256 5.84 -7.84 13.97
C LEU A 256 7.37 -7.78 13.96
N LYS A 257 8.00 -8.22 15.05
CA LYS A 257 9.46 -8.22 15.17
C LYS A 257 10.12 -9.13 14.12
N VAL A 258 9.56 -10.34 13.87
CA VAL A 258 10.18 -11.23 12.86
C VAL A 258 9.95 -10.68 11.42
N MET A 259 8.87 -9.89 11.22
CA MET A 259 8.63 -9.26 9.92
C MET A 259 9.68 -8.20 9.59
N ILE A 260 10.40 -7.66 10.61
CA ILE A 260 11.45 -6.68 10.34
C ILE A 260 12.85 -7.25 10.63
N HIS A 261 13.02 -8.57 10.67
CA HIS A 261 14.33 -9.19 10.89
C HIS A 261 15.37 -8.65 9.88
N PRO A 262 16.64 -8.42 10.28
CA PRO A 262 17.64 -7.98 9.28
C PRO A 262 17.85 -9.00 8.16
N ASP A 263 17.50 -10.26 8.38
CA ASP A 263 17.62 -11.31 7.37
C ASP A 263 16.27 -11.52 6.69
N PRO A 264 16.13 -11.10 5.42
CA PRO A 264 14.85 -11.28 4.72
C PRO A 264 14.33 -12.71 4.68
N GLU A 265 15.24 -13.72 4.57
CA GLU A 265 14.82 -15.11 4.56
C GLU A 265 14.11 -15.52 5.86
N ARG A 266 14.38 -14.80 6.98
CA ARG A 266 13.74 -15.07 8.26
C ARG A 266 12.34 -14.44 8.38
N ARG A 267 12.06 -13.40 7.57
CA ARG A 267 10.73 -12.78 7.58
C ARG A 267 9.73 -13.75 6.97
N PRO A 268 8.48 -13.78 7.44
CA PRO A 268 7.51 -14.70 6.83
C PRO A 268 7.15 -14.26 5.41
N SER A 269 6.92 -15.24 4.52
CA SER A 269 6.38 -14.97 3.21
C SER A 269 4.89 -14.53 3.43
N ALA A 270 4.26 -13.89 2.41
CA ALA A 270 2.85 -13.51 2.54
C ALA A 270 1.98 -14.81 2.70
N MET A 271 2.37 -15.91 2.04
CA MET A 271 1.73 -17.24 2.14
C MET A 271 1.74 -17.68 3.60
N ALA A 272 2.89 -17.60 4.28
CA ALA A 272 3.01 -17.99 5.69
C ALA A 272 2.20 -17.06 6.58
N LEU A 273 2.26 -15.74 6.31
CA LEU A 273 1.56 -14.77 7.11
C LEU A 273 0.04 -15.00 7.11
N VAL A 274 -0.57 -15.35 5.96
CA VAL A 274 -2.04 -15.53 5.93
C VAL A 274 -2.53 -16.89 6.53
N LYS A 275 -1.61 -17.81 6.78
CA LYS A 275 -1.89 -19.09 7.42
C LYS A 275 -1.56 -19.04 8.93
N HIS A 276 -1.10 -17.91 9.45
CA HIS A 276 -0.74 -17.74 10.84
C HIS A 276 -1.98 -17.73 11.75
N SER A 277 -2.05 -18.74 12.66
CA SER A 277 -3.17 -18.87 13.62
C SER A 277 -3.38 -17.62 14.46
N VAL A 278 -2.32 -16.84 14.73
N VAL A 278 -2.32 -16.84 14.73
CA VAL A 278 -2.46 -15.61 15.50
CA VAL A 278 -2.46 -15.62 15.54
C VAL A 278 -3.40 -14.63 14.80
C VAL A 278 -3.29 -14.54 14.82
N LEU A 279 -3.25 -14.51 13.49
CA LEU A 279 -4.07 -13.59 12.73
C LEU A 279 -5.45 -14.25 12.47
N LEU A 280 -5.47 -15.56 12.10
CA LEU A 280 -6.71 -16.27 11.81
C LEU A 280 -7.68 -16.35 12.98
N SER A 281 -7.15 -16.53 14.19
CA SER A 281 -7.99 -16.63 15.39
C SER A 281 -8.63 -15.30 15.78
C1 QT9 B . -7.82 6.39 -9.40
C3 QT9 B . -5.96 5.92 -7.93
C4 QT9 B . -5.04 5.87 -8.99
C5 QT9 B . -3.70 5.62 -8.68
C6 QT9 B . -3.30 5.37 -7.36
C7 QT9 B . -4.23 5.42 -6.31
C8 QT9 B . -5.53 5.77 -6.62
N10 QT9 B . -7.04 6.75 -4.74
C11 QT9 B . -8.20 6.31 -4.16
C12 QT9 B . -8.37 4.96 -4.53
C15 QT9 B . -9.98 6.10 -2.74
C17 QT9 B . -10.62 7.81 -1.06
C18 QT9 B . -9.41 8.49 -0.93
C19 QT9 B . -9.34 9.66 -0.18
C21 QT9 B . -11.66 9.42 0.39
C24 QT9 B . -11.67 12.14 1.14
C27 QT9 B . -10.70 14.78 3.66
C31 QT9 B . -7.35 4.67 -5.54
C33 QT9 B . -6.36 7.87 -4.33
C34 QT9 B . -6.97 8.96 -3.71
C35 QT9 B . -6.16 10.01 -3.26
C36 QT9 B . -4.78 9.93 -3.47
C37 QT9 B . -4.24 8.81 -4.13
C39 QT9 B . -2.76 8.66 -4.45
C40 QT9 B . -2.23 7.35 -3.83
O42 QT9 B . -2.00 9.79 -3.97
O2 QT9 B . -7.28 6.24 -8.10
N9 QT9 B . -6.58 5.76 -5.66
C13 QT9 B . -9.49 4.27 -4.09
N14 QT9 B . -10.27 4.88 -3.19
N16 QT9 B . -10.83 6.62 -1.78
C20 QT9 B . -10.46 10.13 0.51
C22 QT9 B . -11.76 8.28 -0.38
N23 QT9 B . -10.46 11.30 1.30
C25 QT9 B . -11.81 13.04 2.38
N26 QT9 B . -10.60 13.87 2.50
C28 QT9 B . -9.32 13.13 2.53
C29 QT9 B . -9.21 12.08 1.41
N30 QT9 B . -8.96 6.82 -3.18
O32 QT9 B . -7.20 3.66 -6.20
N38 QT9 B . -5.04 7.82 -4.51
C41 QT9 B . -2.55 8.65 -5.96
#